data_6KIP
#
_entry.id   6KIP
#
_cell.length_a   98.012
_cell.length_b   98.012
_cell.length_c   140.000
_cell.angle_alpha   90.000
_cell.angle_beta   90.000
_cell.angle_gamma   90.000
#
_symmetry.space_group_name_H-M   'P 41 21 2'
#
loop_
_entity.id
_entity.type
_entity.pdbx_description
1 polymer 'Receptor-type tyrosine-protein phosphatase delta'
2 polymer Liprin-alpha-3
3 water water
#
loop_
_entity_poly.entity_id
_entity_poly.type
_entity_poly.pdbx_seq_one_letter_code
_entity_poly.pdbx_strand_id
1 'polypeptide(L)'
;MNTEVPARNLYAYIQKLTQIETGENVTGMELEFKRLASSKAHTSRFISANLPCNKFKNRLVNIMPYESTRVCLQPIRGVE
GSDYINASFLDGYRQQKAYIATQGPLAETTEDFWRMLWEHNSTIVVMLTKLREMGREKCHQYWPAERSARYQYFVVDPMA
EYNMPQYILREFKVTDARDGQSRTVRQFQFTDWPEQGVPKSGEGFIDFIGQVHKTKEQFGQDGPISVHCSAGVGRTGVFI
TLSIVLERMRYEGVVDIFQTVKMLRTQRPAMVQTEDQYQFCYRAALEYLGSFDHYATLEHHHHHH
;
A
2 'polypeptide(L)'
;LGSAKLTGPGDKDRRNKRKHELLEEACRQGLPFAAWDGPTVVSWLELWVGMPAWYVAACRANVKSGAIMANLSDTEIQRE
IGISNPLHRLKLRLAIQEMVSLTSPSAPASSRTPTGNVWMTHEEMESLTAATKPETKEISWEQILAYGDMNHEWVGNDWL
PSLGLPQYRSYFMESLVDARMLDHLNKKELRGQLKMVDSFHRVSLHYGIMCLKRLNYDRKDLERRREESQTQIRDVMVWS
NERVMGWVSGLGLKEFATNLTESGVHGALLALDETFDYSDLALLLQIPTQNAQARQLLEKEFSNLISLGTDRRLDEDSAK
SFSRSTRAAAS
;
B
#
# COMPACT_ATOMS: atom_id res chain seq x y z
N MET A 1 -2.97 -34.25 12.51
CA MET A 1 -2.72 -33.63 13.81
C MET A 1 -3.07 -32.15 13.80
N ASN A 2 -3.84 -31.72 14.79
CA ASN A 2 -4.28 -30.33 14.84
C ASN A 2 -3.17 -29.42 15.32
N THR A 3 -2.81 -28.47 14.45
CA THR A 3 -1.78 -27.51 14.75
C THR A 3 -2.39 -26.12 14.80
N GLU A 4 -3.71 -26.04 14.80
CA GLU A 4 -4.36 -24.74 14.91
C GLU A 4 -4.61 -24.51 16.37
N VAL A 5 -4.11 -23.41 16.91
CA VAL A 5 -4.24 -23.19 18.34
C VAL A 5 -4.90 -21.85 18.60
N PRO A 6 -5.88 -21.82 19.51
CA PRO A 6 -6.46 -20.53 19.89
C PRO A 6 -5.43 -19.70 20.66
N ALA A 7 -5.51 -18.38 20.58
CA ALA A 7 -4.50 -17.50 21.16
C ALA A 7 -4.18 -17.86 22.61
N ARG A 8 -5.22 -18.08 23.41
CA ARG A 8 -5.04 -18.32 24.84
C ARG A 8 -4.29 -19.63 25.12
N ASN A 9 -4.17 -20.49 24.12
CA ASN A 9 -3.44 -21.74 24.31
C ASN A 9 -2.03 -21.71 23.72
N LEU A 10 -1.66 -20.57 23.14
CA LEU A 10 -0.40 -20.48 22.41
C LEU A 10 0.81 -20.64 23.31
N TYR A 11 0.78 -20.00 24.48
CA TYR A 11 1.85 -20.18 25.45
C TYR A 11 2.05 -21.66 25.78
N ALA A 12 0.97 -22.35 26.17
CA ALA A 12 1.06 -23.75 26.56
C ALA A 12 1.49 -24.64 25.40
N TYR A 13 0.97 -24.39 24.21
CA TYR A 13 1.35 -25.13 23.01
C TYR A 13 2.85 -25.05 22.72
N ILE A 14 3.40 -23.85 22.77
CA ILE A 14 4.82 -23.64 22.54
C ILE A 14 5.66 -24.36 23.61
N GLN A 15 5.23 -24.27 24.86
CA GLN A 15 5.90 -24.99 25.96
C GLN A 15 5.96 -26.50 25.68
N LYS A 16 4.87 -27.07 25.17
CA LYS A 16 4.83 -28.49 24.88
C LYS A 16 5.78 -28.86 23.72
N LEU A 17 5.91 -27.97 22.74
CA LEU A 17 6.85 -28.19 21.63
C LEU A 17 8.31 -28.20 22.09
N THR A 18 8.64 -27.33 23.04
CA THR A 18 10.01 -27.26 23.59
C THR A 18 10.38 -28.52 24.33
N GLN A 19 9.35 -29.24 24.76
CA GLN A 19 9.56 -30.44 25.57
C GLN A 19 9.61 -31.72 24.74
N ILE A 20 10.28 -32.69 25.32
CA ILE A 20 10.47 -34.00 24.73
C ILE A 20 9.87 -35.04 25.69
N GLU A 21 9.00 -35.90 25.18
CA GLU A 21 8.28 -36.82 26.08
C GLU A 21 7.77 -38.10 25.40
N THR A 22 7.42 -39.09 26.23
CA THR A 22 6.96 -40.42 25.81
C THR A 22 7.89 -41.18 24.85
N GLY A 23 9.18 -41.22 25.17
CA GLY A 23 10.11 -42.11 24.48
C GLY A 23 10.58 -41.76 23.07
N GLU A 24 10.70 -40.48 22.77
CA GLU A 24 11.35 -40.08 21.52
C GLU A 24 12.58 -39.24 21.85
N ASN A 25 13.60 -39.33 21.00
CA ASN A 25 14.84 -38.58 21.20
C ASN A 25 14.67 -37.07 20.96
N VAL A 26 13.68 -36.69 20.16
CA VAL A 26 13.58 -35.30 19.70
C VAL A 26 12.36 -34.53 20.24
N THR A 27 12.49 -33.20 20.28
CA THR A 27 11.43 -32.32 20.78
C THR A 27 10.23 -32.25 19.86
N GLY A 28 9.09 -31.82 20.41
CA GLY A 28 7.86 -31.64 19.65
C GLY A 28 8.03 -30.67 18.51
N MET A 29 8.85 -29.63 18.73
CA MET A 29 9.15 -28.65 17.69
C MET A 29 9.87 -29.30 16.51
N GLU A 30 10.90 -30.07 16.81
CA GLU A 30 11.69 -30.71 15.75
C GLU A 30 10.83 -31.70 14.97
N LEU A 31 9.95 -32.40 15.66
CA LEU A 31 9.04 -33.35 15.01
C LEU A 31 8.07 -32.63 14.07
N GLU A 32 7.57 -31.49 14.51
CA GLU A 32 6.62 -30.74 13.73
C GLU A 32 7.29 -30.19 12.47
N PHE A 33 8.47 -29.58 12.63
CA PHE A 33 9.22 -29.05 11.48
C PHE A 33 9.53 -30.13 10.46
N LYS A 34 9.88 -31.32 10.93
CA LYS A 34 10.23 -32.41 10.01
C LYS A 34 8.98 -32.91 9.28
N ARG A 35 7.83 -32.76 9.92
CA ARG A 35 6.56 -33.20 9.33
C ARG A 35 6.18 -32.35 8.11
N LEU A 36 6.73 -31.14 8.03
CA LEU A 36 6.52 -30.30 6.85
C LEU A 36 7.12 -30.93 5.60
N ALA A 37 8.18 -31.70 5.77
CA ALA A 37 8.91 -32.30 4.65
C ALA A 37 8.05 -33.20 3.76
N SER A 38 7.28 -34.09 4.38
CA SER A 38 6.44 -35.05 3.64
C SER A 38 5.48 -34.41 2.65
N SER A 39 5.10 -33.16 2.92
CA SER A 39 4.18 -32.43 2.07
C SER A 39 4.80 -32.12 0.71
N THR A 43 2.96 -28.91 -4.94
CA THR A 43 4.09 -29.28 -5.79
C THR A 43 3.76 -29.10 -7.26
N SER A 44 4.57 -28.27 -7.93
CA SER A 44 4.51 -28.08 -9.38
C SER A 44 5.86 -28.50 -9.98
N ARG A 45 6.23 -27.95 -11.14
CA ARG A 45 7.47 -28.36 -11.81
C ARG A 45 8.47 -27.21 -11.98
N PHE A 46 9.74 -27.54 -12.16
CA PHE A 46 10.76 -26.54 -12.47
C PHE A 46 11.19 -26.61 -13.94
N ILE A 47 10.52 -25.87 -14.81
CA ILE A 47 10.80 -25.95 -16.24
C ILE A 47 11.75 -24.84 -16.71
N SER A 48 11.27 -23.59 -16.71
CA SER A 48 12.06 -22.45 -17.15
C SER A 48 13.38 -22.32 -16.39
N ALA A 49 13.33 -22.60 -15.10
CA ALA A 49 14.50 -22.44 -14.23
C ALA A 49 15.68 -23.34 -14.62
N ASN A 50 15.38 -24.47 -15.26
CA ASN A 50 16.41 -25.46 -15.59
C ASN A 50 16.97 -25.37 -17.00
N LEU A 51 16.49 -24.39 -17.76
CA LEU A 51 17.03 -24.13 -19.10
C LEU A 51 18.48 -23.66 -18.97
N PRO A 52 19.39 -24.29 -19.73
CA PRO A 52 20.82 -23.93 -19.74
C PRO A 52 21.05 -22.42 -19.90
N CYS A 53 20.15 -21.76 -20.62
CA CYS A 53 20.23 -20.33 -20.80
C CYS A 53 19.91 -19.57 -19.50
N ASN A 54 19.36 -20.26 -18.51
CA ASN A 54 18.97 -19.63 -17.24
C ASN A 54 19.77 -20.05 -16.02
N LYS A 55 20.76 -20.93 -16.19
CA LYS A 55 21.35 -21.56 -15.01
C LYS A 55 22.13 -20.54 -14.19
N PHE A 56 22.71 -19.55 -14.87
CA PHE A 56 23.48 -18.52 -14.18
C PHE A 56 22.58 -17.49 -13.51
N LYS A 57 21.27 -17.58 -13.74
CA LYS A 57 20.34 -16.64 -13.15
C LYS A 57 19.86 -17.10 -11.77
N ASN A 58 20.27 -18.29 -11.37
CA ASN A 58 19.89 -18.85 -10.06
C ASN A 58 21.04 -18.78 -9.05
N ARG A 59 20.76 -18.30 -7.84
CA ARG A 59 21.82 -18.21 -6.84
C ARG A 59 22.21 -19.60 -6.33
N LEU A 60 21.22 -20.48 -6.19
CA LEU A 60 21.47 -21.87 -5.79
C LEU A 60 20.73 -22.82 -6.72
N VAL A 61 21.42 -23.84 -7.22
CA VAL A 61 20.84 -24.72 -8.22
C VAL A 61 19.59 -25.44 -7.71
N ASN A 62 19.51 -25.62 -6.40
CA ASN A 62 18.41 -26.36 -5.78
C ASN A 62 17.28 -25.48 -5.26
N ILE A 63 17.33 -24.16 -5.51
CA ILE A 63 16.19 -23.31 -5.18
C ILE A 63 15.69 -22.63 -6.45
N MET A 64 14.56 -23.09 -6.96
CA MET A 64 13.99 -22.59 -8.21
C MET A 64 12.48 -22.39 -8.05
N PRO A 65 11.87 -21.48 -8.82
CA PRO A 65 10.42 -21.28 -8.68
C PRO A 65 9.63 -22.41 -9.31
N TYR A 66 8.47 -22.72 -8.72
CA TYR A 66 7.51 -23.62 -9.33
C TYR A 66 6.95 -22.94 -10.57
N GLU A 67 6.60 -23.72 -11.59
CA GLU A 67 6.08 -23.15 -12.81
C GLU A 67 4.71 -22.48 -12.61
N SER A 68 3.87 -23.09 -11.78
CA SER A 68 2.52 -22.60 -11.54
C SER A 68 2.43 -21.22 -10.86
N THR A 69 3.49 -20.81 -10.17
CA THR A 69 3.45 -19.52 -9.46
C THR A 69 4.62 -18.61 -9.80
N ARG A 70 5.36 -18.93 -10.86
CA ARG A 70 6.56 -18.17 -11.12
C ARG A 70 6.20 -16.80 -11.67
N VAL A 71 7.02 -15.82 -11.33
CA VAL A 71 6.87 -14.47 -11.86
C VAL A 71 7.51 -14.41 -13.23
N CYS A 72 6.70 -14.24 -14.28
CA CYS A 72 7.23 -14.21 -15.64
C CYS A 72 7.48 -12.80 -16.13
N LEU A 73 8.60 -12.61 -16.81
CA LEU A 73 8.85 -11.38 -17.53
C LEU A 73 8.37 -11.50 -18.98
N GLN A 74 8.05 -10.37 -19.59
CA GLN A 74 7.77 -10.36 -21.02
C GLN A 74 9.03 -10.72 -21.80
N PRO A 75 8.91 -11.68 -22.73
CA PRO A 75 10.06 -12.12 -23.53
C PRO A 75 10.62 -10.97 -24.34
N ILE A 76 11.93 -11.00 -24.59
CA ILE A 76 12.58 -10.00 -25.44
C ILE A 76 12.96 -10.66 -26.75
N ARG A 77 12.74 -9.94 -27.85
CA ARG A 77 13.03 -10.43 -29.20
C ARG A 77 14.37 -11.16 -29.31
N GLY A 78 14.32 -12.46 -29.58
CA GLY A 78 15.50 -13.21 -29.96
C GLY A 78 16.39 -13.69 -28.83
N VAL A 79 16.08 -13.29 -27.60
CA VAL A 79 16.81 -13.72 -26.43
C VAL A 79 16.03 -14.80 -25.72
N GLU A 80 16.49 -16.04 -25.82
CA GLU A 80 15.82 -17.10 -25.06
C GLU A 80 16.15 -16.94 -23.59
N GLY A 81 15.20 -17.34 -22.75
CA GLY A 81 15.36 -17.22 -21.31
C GLY A 81 15.07 -15.83 -20.75
N SER A 82 14.73 -14.88 -21.62
CA SER A 82 14.55 -13.50 -21.19
C SER A 82 13.28 -13.28 -20.38
N ASP A 83 12.40 -14.28 -20.36
CA ASP A 83 11.18 -14.21 -19.55
C ASP A 83 11.39 -14.72 -18.13
N TYR A 84 12.62 -15.12 -17.81
CA TYR A 84 12.85 -15.81 -16.54
C TYR A 84 13.57 -14.99 -15.46
N ILE A 85 13.04 -15.06 -14.25
CA ILE A 85 13.72 -14.60 -13.05
C ILE A 85 13.38 -15.54 -11.89
N ASN A 86 14.33 -15.79 -10.99
CA ASN A 86 14.06 -16.69 -9.88
C ASN A 86 13.19 -16.00 -8.83
N ALA A 87 11.88 -16.12 -8.98
CA ALA A 87 10.92 -15.34 -8.18
C ALA A 87 9.57 -16.03 -8.26
N SER A 88 8.81 -15.97 -7.17
CA SER A 88 7.52 -16.66 -7.05
C SER A 88 6.46 -15.75 -6.42
N PHE A 89 5.23 -15.76 -6.95
CA PHE A 89 4.11 -15.10 -6.28
C PHE A 89 3.65 -15.89 -5.05
N LEU A 90 3.32 -15.18 -3.96
CA LEU A 90 2.63 -15.81 -2.83
C LEU A 90 1.43 -14.97 -2.44
N ASP A 91 0.32 -15.64 -2.12
CA ASP A 91 -0.87 -14.95 -1.65
C ASP A 91 -0.68 -14.48 -0.21
N GLY A 92 -1.41 -13.45 0.20
CA GLY A 92 -1.33 -12.95 1.57
C GLY A 92 -2.64 -13.20 2.30
N TYR A 93 -2.81 -12.61 3.48
CA TYR A 93 -4.02 -12.83 4.26
C TYR A 93 -5.22 -12.30 3.52
N ARG A 94 -5.12 -11.08 2.99
CA ARG A 94 -6.29 -10.44 2.39
C ARG A 94 -6.28 -10.36 0.89
N GLN A 95 -5.12 -10.47 0.26
CA GLN A 95 -5.15 -10.33 -1.18
C GLN A 95 -4.33 -11.41 -1.86
N GLN A 96 -4.75 -11.72 -3.07
CA GLN A 96 -3.99 -12.56 -3.98
C GLN A 96 -2.72 -11.85 -4.42
N LYS A 97 -1.67 -12.61 -4.71
CA LYS A 97 -0.39 -12.04 -5.16
C LYS A 97 0.06 -10.88 -4.27
N ALA A 98 -0.01 -11.09 -2.95
CA ALA A 98 0.41 -10.06 -2.00
C ALA A 98 1.94 -9.92 -1.95
N TYR A 99 2.65 -10.98 -2.32
CA TYR A 99 4.11 -10.99 -2.24
C TYR A 99 4.74 -11.58 -3.50
N ILE A 100 5.93 -11.11 -3.79
CA ILE A 100 6.87 -11.83 -4.63
C ILE A 100 8.04 -12.23 -3.72
N ALA A 101 8.33 -13.53 -3.67
CA ALA A 101 9.52 -14.01 -2.95
C ALA A 101 10.62 -14.26 -3.98
N THR A 102 11.80 -13.66 -3.77
CA THR A 102 12.85 -13.78 -4.78
C THR A 102 14.22 -13.78 -4.09
N GLN A 103 15.25 -14.26 -4.79
CA GLN A 103 16.62 -14.24 -4.28
C GLN A 103 17.18 -12.83 -4.32
N GLY A 104 18.21 -12.58 -3.51
CA GLY A 104 18.95 -11.34 -3.64
C GLY A 104 19.48 -11.31 -5.06
N PRO A 105 19.22 -10.22 -5.80
CA PRO A 105 19.67 -10.13 -7.19
C PRO A 105 21.16 -10.38 -7.35
N LEU A 106 21.55 -11.00 -8.47
CA LEU A 106 22.94 -11.10 -8.85
C LEU A 106 23.28 -9.90 -9.69
N ALA A 107 24.58 -9.66 -9.91
CA ALA A 107 24.99 -8.61 -10.84
C ALA A 107 24.34 -8.88 -12.20
N GLU A 108 24.28 -10.15 -12.58
CA GLU A 108 23.78 -10.57 -13.87
C GLU A 108 22.25 -10.58 -13.98
N THR A 109 21.53 -10.45 -12.87
CA THR A 109 20.08 -10.46 -12.96
C THR A 109 19.48 -9.14 -12.46
N THR A 110 20.35 -8.15 -12.26
CA THR A 110 19.92 -6.87 -11.71
C THR A 110 18.96 -6.13 -12.65
N GLU A 111 19.26 -6.13 -13.95
CA GLU A 111 18.35 -5.51 -14.90
C GLU A 111 17.02 -6.27 -14.93
N ASP A 112 17.08 -7.59 -14.76
CA ASP A 112 15.87 -8.42 -14.73
C ASP A 112 15.03 -8.07 -13.52
N PHE A 113 15.72 -7.82 -12.40
CA PHE A 113 15.04 -7.49 -11.16
C PHE A 113 14.20 -6.22 -11.30
N TRP A 114 14.81 -5.16 -11.82
CA TRP A 114 14.05 -3.92 -12.05
C TRP A 114 12.89 -4.11 -13.04
N ARG A 115 13.08 -4.94 -14.06
CA ARG A 115 12.00 -5.13 -15.03
C ARG A 115 10.86 -5.89 -14.38
N MET A 116 11.22 -6.78 -13.46
CA MET A 116 10.23 -7.53 -12.69
C MET A 116 9.35 -6.60 -11.88
N LEU A 117 9.97 -5.67 -11.17
CA LEU A 117 9.21 -4.75 -10.34
C LEU A 117 8.29 -3.94 -11.23
N TRP A 118 8.81 -3.55 -12.38
CA TRP A 118 8.02 -2.73 -13.30
C TRP A 118 6.84 -3.48 -13.87
N GLU A 119 7.09 -4.66 -14.46
CA GLU A 119 6.05 -5.35 -15.20
C GLU A 119 4.94 -5.80 -14.25
N HIS A 120 5.28 -6.04 -13.00
CA HIS A 120 4.28 -6.55 -12.05
C HIS A 120 3.84 -5.51 -11.01
N ASN A 121 4.13 -4.24 -11.29
CA ASN A 121 3.62 -3.16 -10.44
C ASN A 121 4.00 -3.33 -8.98
N SER A 122 5.23 -3.77 -8.74
CA SER A 122 5.76 -3.86 -7.37
C SER A 122 6.50 -2.57 -7.04
N THR A 123 5.99 -1.82 -6.06
CA THR A 123 6.62 -0.55 -5.69
C THR A 123 7.12 -0.55 -4.26
N ILE A 124 7.01 -1.69 -3.60
CA ILE A 124 7.52 -1.84 -2.25
C ILE A 124 8.39 -3.10 -2.22
N VAL A 125 9.65 -2.91 -1.88
CA VAL A 125 10.64 -3.98 -1.83
C VAL A 125 11.18 -4.15 -0.40
N VAL A 126 11.38 -5.40 0.01
CA VAL A 126 11.82 -5.70 1.36
C VAL A 126 13.09 -6.51 1.25
N MET A 127 14.17 -5.99 1.83
CA MET A 127 15.47 -6.65 1.79
C MET A 127 15.78 -7.18 3.19
N LEU A 128 16.05 -8.47 3.31
CA LEU A 128 16.18 -9.07 4.64
C LEU A 128 17.60 -9.49 5.00
N THR A 129 18.58 -9.05 4.22
CA THR A 129 19.98 -9.34 4.49
C THR A 129 20.77 -8.06 4.39
N LYS A 130 22.03 -8.10 4.84
CA LYS A 130 22.99 -7.09 4.40
C LYS A 130 23.54 -7.51 3.04
N LEU A 131 24.28 -6.63 2.36
CA LEU A 131 24.83 -7.01 1.05
C LEU A 131 25.75 -8.20 1.16
N ARG A 132 26.59 -8.17 2.19
CA ARG A 132 27.56 -9.21 2.47
C ARG A 132 27.42 -9.66 3.93
N GLU A 133 27.46 -10.96 4.18
CA GLU A 133 27.38 -11.46 5.56
C GLU A 133 28.29 -12.67 5.67
N MET A 134 28.92 -12.83 6.82
CA MET A 134 29.85 -13.94 7.05
C MET A 134 30.83 -14.14 5.89
N GLY A 135 31.38 -13.05 5.35
CA GLY A 135 32.41 -13.19 4.33
C GLY A 135 31.94 -13.66 2.96
N ARG A 136 30.67 -13.44 2.67
CA ARG A 136 30.01 -13.90 1.44
C ARG A 136 29.04 -12.83 0.93
N GLU A 137 28.94 -12.67 -0.38
CA GLU A 137 27.88 -11.84 -0.93
C GLU A 137 26.53 -12.52 -0.74
N LYS A 138 25.58 -11.81 -0.14
CA LYS A 138 24.18 -12.25 -0.04
C LYS A 138 23.30 -11.65 -1.13
N CYS A 139 23.67 -10.43 -1.52
CA CYS A 139 22.89 -9.63 -2.46
C CYS A 139 23.83 -8.71 -3.22
N HIS A 140 23.61 -8.55 -4.52
CA HIS A 140 24.38 -7.55 -5.27
C HIS A 140 23.72 -6.20 -5.07
N GLN A 141 24.49 -5.12 -4.97
CA GLN A 141 23.84 -3.82 -4.82
C GLN A 141 23.21 -3.38 -6.14
N TYR A 142 21.88 -3.58 -6.24
CA TYR A 142 21.17 -3.35 -7.48
C TYR A 142 20.62 -1.92 -7.60
N TRP A 143 20.84 -1.10 -6.58
CA TRP A 143 20.30 0.25 -6.57
C TRP A 143 21.43 1.26 -6.65
N PRO A 144 21.16 2.43 -7.29
CA PRO A 144 22.18 3.48 -7.37
C PRO A 144 22.45 4.15 -6.03
N ALA A 145 23.69 4.59 -5.85
CA ALA A 145 24.17 5.17 -4.60
C ALA A 145 23.84 6.65 -4.47
N GLU A 146 24.37 7.46 -5.38
CA GLU A 146 24.22 8.89 -5.23
C GLU A 146 23.65 9.54 -6.48
N ARG A 147 23.98 9.00 -7.65
CA ARG A 147 23.48 9.56 -8.90
C ARG A 147 22.58 8.60 -9.64
N SER A 148 21.87 9.11 -10.65
CA SER A 148 20.97 8.29 -11.46
C SER A 148 21.73 7.16 -12.16
N ALA A 149 21.05 6.03 -12.35
CA ALA A 149 21.64 4.86 -12.99
C ALA A 149 20.67 4.23 -13.99
N ARG A 150 21.23 3.66 -15.06
CA ARG A 150 20.41 3.06 -16.08
C ARG A 150 20.54 1.55 -16.08
N TYR A 151 19.42 0.87 -15.88
CA TYR A 151 19.34 -0.58 -15.92
C TYR A 151 18.48 -0.99 -17.10
N GLN A 152 19.12 -1.14 -18.27
CA GLN A 152 18.41 -1.38 -19.53
C GLN A 152 17.48 -0.23 -19.85
N TYR A 153 16.17 -0.50 -19.84
CA TYR A 153 15.14 0.49 -20.18
C TYR A 153 14.89 1.49 -19.09
N PHE A 154 15.28 1.15 -17.87
CA PHE A 154 14.86 1.93 -16.73
C PHE A 154 15.95 2.83 -16.17
N VAL A 155 15.60 4.10 -15.97
CA VAL A 155 16.44 5.03 -15.26
C VAL A 155 15.99 5.06 -13.81
N VAL A 156 16.89 4.69 -12.91
CA VAL A 156 16.61 4.70 -11.49
C VAL A 156 17.34 5.84 -10.82
N ASP A 157 16.58 6.74 -10.20
CA ASP A 157 17.16 7.93 -9.60
C ASP A 157 16.92 7.90 -8.10
N PRO A 158 18.00 7.91 -7.31
CA PRO A 158 17.84 7.88 -5.85
C PRO A 158 17.24 9.17 -5.31
N MET A 159 16.10 9.05 -4.63
CA MET A 159 15.36 10.22 -4.16
C MET A 159 15.71 10.63 -2.74
N ALA A 160 15.79 9.65 -1.84
CA ALA A 160 16.08 9.92 -0.45
C ALA A 160 16.38 8.65 0.30
N GLU A 161 16.97 8.80 1.47
CA GLU A 161 17.31 7.68 2.33
C GLU A 161 16.98 8.06 3.77
N TYR A 162 16.34 7.15 4.49
CA TYR A 162 15.93 7.40 5.87
C TYR A 162 16.42 6.29 6.79
N ASN A 163 17.17 6.64 7.82
CA ASN A 163 17.68 5.65 8.76
C ASN A 163 16.77 5.53 9.96
N MET A 164 16.12 4.37 10.09
CA MET A 164 15.22 4.12 11.21
C MET A 164 15.92 3.16 12.17
N PRO A 165 15.37 2.93 13.36
CA PRO A 165 16.19 2.20 14.33
C PRO A 165 16.60 0.78 13.88
N GLN A 166 15.69 0.05 13.21
CA GLN A 166 16.01 -1.31 12.80
C GLN A 166 15.85 -1.53 11.30
N TYR A 167 15.82 -0.44 10.52
CA TYR A 167 15.79 -0.57 9.08
C TYR A 167 16.16 0.73 8.39
N ILE A 168 16.40 0.64 7.08
CA ILE A 168 16.68 1.79 6.25
C ILE A 168 15.65 1.82 5.15
N LEU A 169 15.08 2.98 4.88
CA LEU A 169 14.16 3.13 3.77
C LEU A 169 14.85 3.92 2.69
N ARG A 170 14.88 3.37 1.48
CA ARG A 170 15.46 4.08 0.33
C ARG A 170 14.37 4.28 -0.69
N GLU A 171 14.20 5.53 -1.14
CA GLU A 171 13.22 5.86 -2.16
C GLU A 171 13.87 6.12 -3.50
N PHE A 172 13.27 5.61 -4.57
CA PHE A 172 13.80 5.82 -5.90
C PHE A 172 12.70 6.27 -6.83
N LYS A 173 13.07 7.03 -7.85
CA LYS A 173 12.18 7.28 -8.98
C LYS A 173 12.64 6.41 -10.14
N VAL A 174 11.77 5.56 -10.67
CA VAL A 174 12.17 4.74 -11.80
C VAL A 174 11.36 5.16 -13.01
N THR A 175 12.07 5.40 -14.11
CA THR A 175 11.46 5.86 -15.36
C THR A 175 11.68 4.82 -16.45
N ASP A 176 10.64 4.54 -17.22
CA ASP A 176 10.77 3.73 -18.42
C ASP A 176 11.24 4.64 -19.54
N ALA A 177 12.50 4.50 -19.94
CA ALA A 177 13.09 5.41 -20.94
C ALA A 177 12.42 5.29 -22.31
N ARG A 178 11.71 4.18 -22.53
CA ARG A 178 11.00 3.98 -23.79
C ARG A 178 9.85 4.96 -23.99
N ASP A 179 9.11 5.26 -22.93
CA ASP A 179 7.93 6.12 -23.05
C ASP A 179 7.80 7.18 -21.97
N GLY A 180 8.79 7.28 -21.08
CA GLY A 180 8.81 8.35 -20.10
C GLY A 180 7.93 8.18 -18.87
N GLN A 181 7.14 7.10 -18.83
CA GLN A 181 6.36 6.79 -17.65
C GLN A 181 7.27 6.55 -16.45
N SER A 182 6.81 6.91 -15.26
CA SER A 182 7.63 6.80 -14.05
C SER A 182 6.82 6.41 -12.82
N ARG A 183 7.48 5.73 -11.87
CA ARG A 183 6.86 5.35 -10.60
C ARG A 183 7.85 5.59 -9.46
N THR A 184 7.34 5.76 -8.25
CA THR A 184 8.21 5.76 -7.08
C THR A 184 8.32 4.35 -6.52
N VAL A 185 9.54 3.91 -6.27
CA VAL A 185 9.78 2.59 -5.67
C VAL A 185 10.43 2.75 -4.30
N ARG A 186 9.90 2.06 -3.30
CA ARG A 186 10.46 2.13 -1.96
C ARG A 186 11.08 0.83 -1.52
N GLN A 187 12.31 0.92 -0.99
CA GLN A 187 13.00 -0.25 -0.48
C GLN A 187 13.18 -0.17 1.04
N PHE A 188 12.65 -1.15 1.76
CA PHE A 188 12.85 -1.27 3.20
C PHE A 188 13.89 -2.35 3.47
N GLN A 189 15.06 -1.97 3.96
CA GLN A 189 16.08 -2.97 4.32
C GLN A 189 16.13 -3.15 5.82
N PHE A 190 15.79 -4.34 6.29
CA PHE A 190 15.85 -4.64 7.72
C PHE A 190 17.30 -4.87 8.11
N THR A 191 17.79 -4.15 9.12
CA THR A 191 19.23 -4.15 9.39
C THR A 191 19.58 -4.86 10.70
N ASP A 192 18.61 -5.55 11.29
CA ASP A 192 18.78 -6.11 12.63
C ASP A 192 18.61 -7.62 12.69
N TRP A 193 18.72 -8.30 11.55
CA TRP A 193 18.75 -9.76 11.57
C TRP A 193 20.20 -10.20 11.80
N PRO A 194 20.45 -11.03 12.84
CA PRO A 194 21.84 -11.43 13.12
C PRO A 194 22.40 -12.31 12.01
N GLU A 195 23.71 -12.30 11.81
CA GLU A 195 24.31 -13.03 10.70
C GLU A 195 24.34 -14.54 10.98
N GLN A 196 24.23 -14.90 12.25
CA GLN A 196 23.94 -16.29 12.60
C GLN A 196 22.67 -16.35 13.46
N GLY A 197 21.91 -17.43 13.31
CA GLY A 197 20.73 -17.64 14.13
C GLY A 197 19.58 -16.70 13.80
N VAL A 198 18.75 -16.41 14.80
CA VAL A 198 17.57 -15.58 14.63
C VAL A 198 17.63 -14.46 15.67
N PRO A 199 16.85 -13.38 15.46
CA PRO A 199 16.81 -12.31 16.45
C PRO A 199 16.45 -12.81 17.86
N LYS A 200 17.08 -12.22 18.87
CA LYS A 200 16.84 -12.61 20.26
C LYS A 200 15.40 -12.33 20.65
N SER A 201 14.88 -11.23 20.13
CA SER A 201 13.49 -10.83 20.33
C SER A 201 12.84 -10.58 18.99
N GLY A 202 11.54 -10.82 18.90
CA GLY A 202 10.84 -10.59 17.63
C GLY A 202 10.25 -9.20 17.48
N GLU A 203 10.38 -8.36 18.50
CA GLU A 203 9.68 -7.08 18.50
C GLU A 203 10.08 -6.15 17.37
N GLY A 204 11.38 -6.05 17.09
CA GLY A 204 11.84 -5.21 16.00
C GLY A 204 11.32 -5.72 14.65
N PHE A 205 11.41 -7.02 14.45
CA PHE A 205 10.97 -7.60 13.19
C PHE A 205 9.46 -7.47 13.05
N ILE A 206 8.72 -7.62 14.15
CA ILE A 206 7.27 -7.41 14.13
C ILE A 206 6.90 -5.98 13.76
N ASP A 207 7.60 -5.00 14.35
CA ASP A 207 7.34 -3.59 14.01
C ASP A 207 7.66 -3.31 12.54
N PHE A 208 8.72 -3.93 12.04
CA PHE A 208 9.12 -3.77 10.64
C PHE A 208 8.03 -4.31 9.70
N ILE A 209 7.57 -5.52 9.98
CA ILE A 209 6.44 -6.06 9.22
C ILE A 209 5.26 -5.08 9.20
N GLY A 210 4.95 -4.51 10.36
CA GLY A 210 3.88 -3.54 10.50
C GLY A 210 4.11 -2.30 9.67
N GLN A 211 5.33 -1.77 9.69
CA GLN A 211 5.64 -0.58 8.91
C GLN A 211 5.52 -0.80 7.41
N VAL A 212 6.02 -1.94 6.94
CA VAL A 212 5.93 -2.24 5.52
C VAL A 212 4.46 -2.32 5.05
N HIS A 213 3.61 -2.97 5.82
CA HIS A 213 2.24 -3.12 5.40
C HIS A 213 1.43 -1.86 5.57
N LYS A 214 1.83 -1.05 6.55
CA LYS A 214 1.20 0.25 6.74
C LYS A 214 1.47 1.13 5.53
N THR A 215 2.71 1.06 5.03
CA THR A 215 3.10 1.84 3.86
C THR A 215 2.29 1.46 2.63
N LYS A 216 2.09 0.15 2.42
CA LYS A 216 1.29 -0.34 1.31
C LYS A 216 -0.14 0.21 1.39
N GLU A 217 -0.72 0.15 2.58
CA GLU A 217 -2.06 0.66 2.82
C GLU A 217 -2.15 2.18 2.63
N GLN A 218 -1.29 2.92 3.32
CA GLN A 218 -1.37 4.36 3.29
C GLN A 218 -1.19 4.97 1.90
N PHE A 219 -0.25 4.43 1.13
CA PHE A 219 0.00 4.95 -0.20
C PHE A 219 -0.84 4.26 -1.28
N GLY A 220 -1.76 3.39 -0.85
CA GLY A 220 -2.66 2.72 -1.77
C GLY A 220 -1.95 1.95 -2.86
N GLN A 221 -0.87 1.27 -2.49
CA GLN A 221 -0.10 0.48 -3.44
C GLN A 221 -0.63 -0.95 -3.50
N ASP A 222 -1.27 -1.30 -4.62
CA ASP A 222 -1.98 -2.57 -4.76
C ASP A 222 -1.12 -3.75 -5.17
N GLY A 223 0.06 -3.46 -5.69
CA GLY A 223 0.90 -4.49 -6.27
C GLY A 223 1.56 -5.34 -5.20
N PRO A 224 2.24 -6.41 -5.62
CA PRO A 224 2.85 -7.27 -4.60
C PRO A 224 4.03 -6.60 -3.94
N ILE A 225 4.28 -6.93 -2.68
CA ILE A 225 5.51 -6.54 -2.00
C ILE A 225 6.59 -7.54 -2.40
N SER A 226 7.69 -7.05 -2.98
CA SER A 226 8.79 -7.93 -3.35
C SER A 226 9.71 -8.12 -2.15
N VAL A 227 9.88 -9.36 -1.74
CA VAL A 227 10.66 -9.68 -0.57
C VAL A 227 11.87 -10.51 -1.00
N HIS A 228 13.08 -10.11 -0.62
CA HIS A 228 14.24 -10.95 -0.88
C HIS A 228 15.22 -11.10 0.29
N CYS A 229 15.83 -12.28 0.36
CA CYS A 229 16.92 -12.51 1.30
C CYS A 229 18.07 -13.09 0.45
N SER A 230 18.69 -14.18 0.89
CA SER A 230 19.78 -14.74 0.10
C SER A 230 19.19 -15.52 -1.08
N ALA A 231 18.44 -16.58 -0.77
CA ALA A 231 17.84 -17.42 -1.80
C ALA A 231 16.34 -17.17 -1.98
N GLY A 232 15.76 -16.37 -1.09
CA GLY A 232 14.36 -16.04 -1.18
C GLY A 232 13.45 -17.10 -0.58
N VAL A 233 13.97 -17.89 0.36
CA VAL A 233 13.14 -18.90 1.02
C VAL A 233 13.24 -18.89 2.54
N GLY A 234 14.40 -18.59 3.11
CA GLY A 234 14.53 -18.65 4.56
C GLY A 234 13.93 -17.47 5.32
N ARG A 235 14.69 -16.39 5.44
CA ARG A 235 14.19 -15.17 6.08
C ARG A 235 12.95 -14.65 5.36
N THR A 236 12.93 -14.79 4.05
CA THR A 236 11.77 -14.37 3.26
C THR A 236 10.55 -15.20 3.67
N GLY A 237 10.77 -16.48 3.91
CA GLY A 237 9.70 -17.34 4.42
C GLY A 237 9.20 -16.89 5.79
N VAL A 238 10.11 -16.45 6.65
CA VAL A 238 9.73 -15.95 7.97
C VAL A 238 8.91 -14.66 7.89
N PHE A 239 9.37 -13.75 7.05
CA PHE A 239 8.66 -12.50 6.84
C PHE A 239 7.23 -12.74 6.39
N ILE A 240 7.05 -13.63 5.42
CA ILE A 240 5.72 -13.84 4.85
C ILE A 240 4.84 -14.66 5.78
N THR A 241 5.42 -15.66 6.42
CA THR A 241 4.68 -16.45 7.40
C THR A 241 4.12 -15.54 8.50
N LEU A 242 4.98 -14.72 9.10
CA LEU A 242 4.56 -13.86 10.21
C LEU A 242 3.62 -12.74 9.74
N SER A 243 3.83 -12.22 8.54
CA SER A 243 2.90 -11.23 7.99
C SER A 243 1.48 -11.78 8.01
N ILE A 244 1.32 -13.01 7.51
CA ILE A 244 0.01 -13.64 7.45
C ILE A 244 -0.52 -14.04 8.82
N VAL A 245 0.32 -14.72 9.59
CA VAL A 245 -0.06 -15.26 10.89
C VAL A 245 -0.39 -14.16 11.90
N LEU A 246 0.36 -13.06 11.89
CA LEU A 246 0.09 -12.01 12.87
C LEU A 246 -1.26 -11.33 12.58
N GLU A 247 -1.56 -11.08 11.31
CA GLU A 247 -2.85 -10.45 11.03
C GLU A 247 -4.02 -11.41 11.28
N ARG A 248 -3.84 -12.67 10.94
CA ARG A 248 -4.90 -13.64 11.16
C ARG A 248 -5.16 -13.79 12.65
N MET A 249 -4.09 -13.77 13.45
CA MET A 249 -4.23 -13.92 14.88
C MET A 249 -5.00 -12.72 15.45
N ARG A 250 -4.71 -11.53 14.95
CA ARG A 250 -5.40 -10.33 15.42
C ARG A 250 -6.89 -10.31 15.08
N TYR A 251 -7.25 -10.74 13.87
CA TYR A 251 -8.66 -10.66 13.50
C TYR A 251 -9.44 -11.93 13.83
N GLU A 252 -8.76 -13.07 13.96
CA GLU A 252 -9.48 -14.33 14.18
C GLU A 252 -9.14 -15.01 15.49
N GLY A 253 -8.03 -14.62 16.12
CA GLY A 253 -7.73 -15.11 17.44
C GLY A 253 -7.20 -16.53 17.46
N VAL A 254 -6.70 -16.98 16.31
CA VAL A 254 -6.07 -18.29 16.24
C VAL A 254 -4.75 -18.25 15.46
N VAL A 255 -3.90 -19.23 15.73
CA VAL A 255 -2.60 -19.37 15.11
C VAL A 255 -2.44 -20.78 14.54
N ASP A 256 -2.02 -20.90 13.28
CA ASP A 256 -1.66 -22.19 12.70
C ASP A 256 -0.43 -22.01 11.84
N ILE A 257 0.72 -22.01 12.50
CA ILE A 257 1.99 -21.77 11.82
C ILE A 257 2.34 -22.95 10.89
N PHE A 258 2.07 -24.17 11.36
CA PHE A 258 2.36 -25.36 10.58
C PHE A 258 1.67 -25.34 9.20
N GLN A 259 0.36 -25.10 9.20
CA GLN A 259 -0.38 -25.08 7.94
C GLN A 259 -0.02 -23.85 7.12
N THR A 260 0.34 -22.75 7.77
CA THR A 260 0.76 -21.56 7.01
C THR A 260 2.05 -21.84 6.21
N VAL A 261 3.05 -22.43 6.86
CA VAL A 261 4.30 -22.72 6.16
C VAL A 261 4.05 -23.77 5.07
N LYS A 262 3.25 -24.78 5.40
CA LYS A 262 2.86 -25.79 4.42
C LYS A 262 2.25 -25.10 3.19
N MET A 263 1.37 -24.16 3.45
CA MET A 263 0.73 -23.41 2.36
C MET A 263 1.74 -22.61 1.54
N LEU A 264 2.68 -21.95 2.20
CA LEU A 264 3.69 -21.19 1.47
C LEU A 264 4.52 -22.12 0.60
N ARG A 265 4.85 -23.30 1.12
CA ARG A 265 5.64 -24.25 0.35
C ARG A 265 4.90 -24.86 -0.83
N THR A 266 3.58 -24.64 -0.95
CA THR A 266 2.90 -25.02 -2.19
C THR A 266 3.13 -23.95 -3.27
N GLN A 267 3.74 -22.83 -2.90
CA GLN A 267 3.87 -21.72 -3.85
C GLN A 267 5.34 -21.42 -4.20
N ARG A 268 6.24 -21.83 -3.32
CA ARG A 268 7.69 -21.73 -3.58
C ARG A 268 8.37 -22.73 -2.65
N PRO A 269 9.32 -23.50 -3.17
CA PRO A 269 9.86 -24.57 -2.32
C PRO A 269 10.65 -24.04 -1.13
N ALA A 270 10.60 -24.79 -0.04
CA ALA A 270 11.54 -24.67 1.08
C ALA A 270 11.35 -23.43 1.93
N MET A 271 10.18 -22.81 1.85
CA MET A 271 9.93 -21.58 2.61
C MET A 271 10.07 -21.85 4.10
N VAL A 272 10.77 -20.95 4.80
CA VAL A 272 11.18 -21.13 6.20
C VAL A 272 12.05 -22.37 6.25
N GLN A 273 13.34 -22.15 6.10
CA GLN A 273 14.25 -23.21 5.73
C GLN A 273 14.82 -24.01 6.90
N THR A 274 14.91 -23.40 8.08
CA THR A 274 15.52 -24.12 9.21
C THR A 274 14.61 -24.19 10.43
N GLU A 275 14.90 -25.13 11.33
CA GLU A 275 14.10 -25.30 12.53
C GLU A 275 14.13 -24.02 13.38
N ASP A 276 15.29 -23.37 13.40
CA ASP A 276 15.48 -22.12 14.14
C ASP A 276 14.54 -21.05 13.66
N GLN A 277 14.43 -20.95 12.34
CA GLN A 277 13.55 -19.97 11.73
C GLN A 277 12.10 -20.32 12.05
N TYR A 278 11.78 -21.60 11.99
CA TYR A 278 10.43 -22.08 12.28
C TYR A 278 10.06 -21.77 13.72
N GLN A 279 10.97 -22.07 14.64
CA GLN A 279 10.77 -21.78 16.06
C GLN A 279 10.57 -20.29 16.33
N PHE A 280 11.32 -19.46 15.60
CA PHE A 280 11.23 -18.01 15.72
C PHE A 280 9.85 -17.48 15.34
N CYS A 281 9.20 -18.14 14.39
CA CYS A 281 7.83 -17.79 14.02
C CYS A 281 6.89 -17.89 15.23
N TYR A 282 6.97 -19.01 15.94
CA TYR A 282 6.20 -19.20 17.16
C TYR A 282 6.55 -18.18 18.24
N ARG A 283 7.85 -18.04 18.47
CA ARG A 283 8.37 -17.10 19.45
C ARG A 283 7.84 -15.68 19.20
N ALA A 284 7.94 -15.21 17.97
CA ALA A 284 7.49 -13.85 17.63
C ALA A 284 5.97 -13.71 17.72
N ALA A 285 5.24 -14.73 17.29
CA ALA A 285 3.77 -14.68 17.41
C ALA A 285 3.35 -14.53 18.87
N LEU A 286 4.04 -15.24 19.75
CA LEU A 286 3.72 -15.20 21.18
C LEU A 286 4.06 -13.83 21.74
N GLU A 287 5.15 -13.24 21.25
CA GLU A 287 5.53 -11.90 21.68
C GLU A 287 4.50 -10.88 21.26
N TYR A 288 4.03 -10.99 20.01
CA TYR A 288 3.01 -10.10 19.51
C TYR A 288 1.72 -10.26 20.31
N LEU A 289 1.36 -11.49 20.61
CA LEU A 289 0.17 -11.78 21.41
C LEU A 289 0.23 -11.04 22.75
N GLY A 290 1.43 -11.01 23.32
CA GLY A 290 1.65 -10.38 24.61
C GLY A 290 1.51 -8.87 24.61
N SER A 291 1.43 -8.25 23.43
CA SER A 291 1.18 -6.82 23.37
C SER A 291 -0.29 -6.51 23.60
N PHE A 292 -1.09 -7.55 23.78
CA PHE A 292 -2.52 -7.40 24.13
C PHE A 292 -2.75 -7.92 25.54
N ASP A 293 -3.24 -7.06 26.43
CA ASP A 293 -3.30 -7.37 27.86
C ASP A 293 -4.10 -8.64 28.22
N HIS A 294 -5.23 -8.84 27.56
CA HIS A 294 -6.11 -9.96 27.90
C HIS A 294 -5.55 -11.33 27.47
N TYR A 295 -4.33 -11.36 26.94
CA TYR A 295 -3.73 -12.61 26.47
C TYR A 295 -2.28 -12.76 26.91
N ALA A 296 -1.81 -11.86 27.77
CA ALA A 296 -0.43 -11.90 28.26
C ALA A 296 -0.25 -12.94 29.36
N LYS B 5 -11.45 -12.60 17.30
CA LYS B 5 -10.77 -11.30 17.24
C LYS B 5 -10.22 -10.91 18.60
N LEU B 6 -8.98 -10.43 18.61
CA LEU B 6 -8.33 -10.04 19.85
C LEU B 6 -9.01 -8.81 20.43
N THR B 7 -9.44 -8.93 21.69
CA THR B 7 -10.14 -7.87 22.40
C THR B 7 -9.23 -7.24 23.45
N GLY B 8 -9.64 -6.08 23.96
CA GLY B 8 -8.97 -5.45 25.09
C GLY B 8 -7.94 -4.39 24.74
N PRO B 9 -7.32 -3.80 25.77
CA PRO B 9 -6.25 -2.82 25.60
C PRO B 9 -4.91 -3.48 25.30
N GLY B 10 -3.91 -2.67 24.98
CA GLY B 10 -2.59 -3.19 24.69
C GLY B 10 -1.56 -2.08 24.57
N ASP B 11 -0.32 -2.48 24.28
CA ASP B 11 0.79 -1.54 24.14
C ASP B 11 0.54 -0.48 23.07
N LYS B 12 0.05 -0.89 21.90
CA LYS B 12 -0.20 0.02 20.80
C LYS B 12 -1.29 1.07 21.11
N ASP B 13 -2.38 0.62 21.71
CA ASP B 13 -3.47 1.51 22.03
C ASP B 13 -3.08 2.49 23.13
N ARG B 14 -2.31 2.02 24.11
CA ARG B 14 -1.83 2.94 25.14
C ARG B 14 -0.96 4.04 24.52
N ARG B 15 -0.05 3.64 23.63
CA ARG B 15 0.86 4.56 22.98
C ARG B 15 0.11 5.58 22.14
N ASN B 16 -0.87 5.10 21.38
CA ASN B 16 -1.71 5.98 20.58
C ASN B 16 -2.54 6.93 21.44
N LYS B 17 -3.13 6.42 22.51
CA LYS B 17 -3.97 7.26 23.36
C LYS B 17 -3.13 8.38 23.96
N ARG B 18 -1.92 8.05 24.40
CA ARG B 18 -1.05 9.06 25.01
C ARG B 18 -0.59 10.11 23.98
N LYS B 19 -0.33 9.68 22.75
CA LYS B 19 -0.01 10.62 21.68
C LYS B 19 -1.19 11.54 21.40
N HIS B 20 -2.38 10.96 21.37
CA HIS B 20 -3.59 11.74 21.11
C HIS B 20 -3.82 12.79 22.19
N GLU B 21 -3.58 12.45 23.45
CA GLU B 21 -3.89 13.41 24.50
C GLU B 21 -2.89 14.58 24.53
N LEU B 22 -1.70 14.43 23.95
CA LEU B 22 -0.84 15.60 23.72
C LEU B 22 -1.55 16.57 22.78
N LEU B 23 -2.09 16.01 21.71
CA LEU B 23 -2.75 16.78 20.67
C LEU B 23 -4.02 17.43 21.20
N GLU B 24 -4.83 16.65 21.92
CA GLU B 24 -6.11 17.12 22.39
C GLU B 24 -5.96 18.20 23.46
N GLU B 25 -4.92 18.09 24.27
CA GLU B 25 -4.70 19.09 25.31
C GLU B 25 -4.26 20.44 24.74
N ALA B 26 -3.33 20.44 23.78
CA ALA B 26 -2.89 21.70 23.17
C ALA B 26 -4.07 22.40 22.47
N CYS B 27 -4.86 21.64 21.74
CA CYS B 27 -6.01 22.16 21.01
C CYS B 27 -7.06 22.72 21.96
N ARG B 28 -7.55 21.88 22.86
CA ARG B 28 -8.62 22.32 23.76
C ARG B 28 -8.18 23.44 24.68
N GLN B 29 -6.90 23.47 25.04
CA GLN B 29 -6.44 24.49 25.97
C GLN B 29 -6.13 25.84 25.32
N GLY B 30 -6.31 25.92 24.00
CA GLY B 30 -6.18 27.18 23.29
C GLY B 30 -4.73 27.60 23.09
N LEU B 31 -3.85 26.63 23.08
CA LEU B 31 -2.44 26.86 22.83
C LEU B 31 -2.25 27.08 21.33
N PRO B 32 -1.79 28.28 20.95
CA PRO B 32 -1.53 28.54 19.52
C PRO B 32 -0.42 27.63 18.99
N PHE B 33 -0.53 27.24 17.73
CA PHE B 33 0.38 26.27 17.12
C PHE B 33 1.86 26.65 17.35
N ALA B 34 2.18 27.93 17.20
CA ALA B 34 3.54 28.42 17.38
C ALA B 34 4.14 28.03 18.75
N ALA B 35 3.29 27.95 19.78
CA ALA B 35 3.76 27.64 21.14
C ALA B 35 3.76 26.13 21.46
N TRP B 36 3.42 25.30 20.48
CA TRP B 36 3.44 23.86 20.74
C TRP B 36 4.86 23.36 20.93
N ASP B 37 5.06 22.40 21.83
CA ASP B 37 6.39 21.83 22.02
C ASP B 37 6.69 20.70 21.03
N GLY B 38 7.89 20.12 21.15
CA GLY B 38 8.36 19.08 20.25
C GLY B 38 7.47 17.85 20.18
N PRO B 39 7.28 17.16 21.32
CA PRO B 39 6.45 15.95 21.28
C PRO B 39 5.04 16.24 20.73
N THR B 40 4.50 17.42 21.02
CA THR B 40 3.18 17.76 20.51
C THR B 40 3.16 17.90 18.99
N VAL B 41 4.12 18.61 18.41
CA VAL B 41 4.14 18.74 16.96
C VAL B 41 4.38 17.36 16.31
N VAL B 42 5.16 16.50 16.97
CA VAL B 42 5.43 15.16 16.44
C VAL B 42 4.16 14.31 16.42
N SER B 43 3.41 14.37 17.51
CA SER B 43 2.11 13.71 17.57
C SER B 43 1.16 14.25 16.49
N TRP B 44 1.12 15.57 16.37
CA TRP B 44 0.30 16.25 15.35
C TRP B 44 0.64 15.80 13.92
N LEU B 45 1.93 15.65 13.65
CA LEU B 45 2.39 15.29 12.30
C LEU B 45 1.99 13.85 11.97
N GLU B 46 2.03 13.00 12.98
CA GLU B 46 1.60 11.62 12.79
C GLU B 46 0.08 11.49 12.74
N LEU B 47 -0.59 11.88 13.81
CA LEU B 47 -2.01 11.59 13.96
C LEU B 47 -2.95 12.47 13.14
N TRP B 48 -2.64 13.76 13.01
CA TRP B 48 -3.59 14.70 12.40
C TRP B 48 -3.24 14.97 10.94
N VAL B 49 -1.96 15.12 10.64
CA VAL B 49 -1.56 15.35 9.26
C VAL B 49 -1.56 14.01 8.51
N GLY B 50 -1.09 12.96 9.16
CA GLY B 50 -1.06 11.63 8.58
C GLY B 50 0.22 11.31 7.83
N MET B 51 1.35 11.87 8.28
CA MET B 51 2.63 11.62 7.63
C MET B 51 3.22 10.26 8.01
N PRO B 52 3.96 9.64 7.08
CA PRO B 52 4.63 8.37 7.34
C PRO B 52 5.69 8.45 8.45
N ALA B 53 6.05 7.30 9.01
CA ALA B 53 6.92 7.26 10.19
C ALA B 53 8.28 7.89 9.97
N TRP B 54 8.81 7.85 8.75
CA TRP B 54 10.15 8.41 8.55
C TRP B 54 10.15 9.95 8.55
N TYR B 55 9.09 10.60 8.06
CA TYR B 55 9.00 12.06 8.18
C TYR B 55 8.85 12.41 9.65
N VAL B 56 8.02 11.65 10.35
CA VAL B 56 7.76 11.91 11.77
C VAL B 56 9.07 11.82 12.57
N ALA B 57 9.88 10.81 12.26
CA ALA B 57 11.15 10.63 12.97
C ALA B 57 12.10 11.77 12.67
N ALA B 58 12.11 12.22 11.42
CA ALA B 58 12.91 13.38 11.02
C ALA B 58 12.51 14.62 11.79
N CYS B 59 11.20 14.83 11.89
CA CYS B 59 10.64 15.98 12.62
C CYS B 59 11.07 15.92 14.09
N ARG B 60 10.94 14.74 14.70
CA ARG B 60 11.30 14.56 16.10
C ARG B 60 12.76 14.94 16.36
N ALA B 61 13.63 14.59 15.41
CA ALA B 61 15.05 14.87 15.56
C ALA B 61 15.42 16.33 15.27
N ASN B 62 14.69 16.97 14.37
CA ASN B 62 15.14 18.26 13.85
C ASN B 62 14.21 19.44 14.10
N VAL B 63 13.00 19.19 14.58
CA VAL B 63 12.00 20.25 14.76
C VAL B 63 11.41 20.24 16.18
N LYS B 64 11.89 21.16 17.01
CA LYS B 64 11.63 21.14 18.45
C LYS B 64 10.45 21.99 18.87
N SER B 65 9.80 22.66 17.92
CA SER B 65 8.69 23.54 18.28
C SER B 65 7.77 23.81 17.12
N GLY B 66 6.54 24.21 17.42
CA GLY B 66 5.58 24.60 16.40
C GLY B 66 6.05 25.84 15.66
N ALA B 67 6.66 26.77 16.41
CA ALA B 67 7.21 27.99 15.82
C ALA B 67 8.25 27.68 14.73
N ILE B 68 9.16 26.75 15.03
CA ILE B 68 10.12 26.29 14.04
C ILE B 68 9.40 25.73 12.83
N MET B 69 8.53 24.75 13.07
CA MET B 69 7.75 24.12 12.01
C MET B 69 7.07 25.17 11.12
N ALA B 70 6.38 26.12 11.73
CA ALA B 70 5.63 27.15 11.02
C ALA B 70 6.50 28.00 10.08
N ASN B 71 7.77 28.19 10.43
CA ASN B 71 8.64 29.08 9.67
C ASN B 71 9.64 28.39 8.76
N LEU B 72 9.49 27.10 8.57
CA LEU B 72 10.33 26.38 7.61
C LEU B 72 10.05 26.82 6.19
N SER B 73 11.11 27.08 5.43
CA SER B 73 10.97 27.29 4.00
C SER B 73 10.70 25.95 3.31
N ASP B 74 10.46 26.00 2.00
CA ASP B 74 10.23 24.78 1.22
C ASP B 74 11.50 23.93 1.21
N THR B 75 12.64 24.59 0.96
CA THR B 75 13.92 23.90 0.93
C THR B 75 14.33 23.39 2.31
N GLU B 76 13.89 24.06 3.37
CA GLU B 76 14.16 23.62 4.73
C GLU B 76 13.24 22.46 5.16
N ILE B 77 12.04 22.41 4.62
CA ILE B 77 11.17 21.27 4.90
C ILE B 77 11.81 20.02 4.32
N GLN B 78 12.30 20.18 3.10
CA GLN B 78 12.96 19.09 2.39
C GLN B 78 14.19 18.61 3.15
N ARG B 79 14.91 19.53 3.79
CA ARG B 79 16.14 19.18 4.49
C ARG B 79 15.90 18.67 5.92
N GLU B 80 15.05 19.35 6.68
CA GLU B 80 14.81 19.00 8.08
C GLU B 80 13.83 17.84 8.27
N ILE B 81 12.83 17.74 7.39
CA ILE B 81 11.85 16.66 7.49
C ILE B 81 12.16 15.55 6.48
N GLY B 82 12.92 15.88 5.45
CA GLY B 82 13.25 14.91 4.42
C GLY B 82 12.18 14.71 3.37
N ILE B 83 11.37 15.73 3.13
CA ILE B 83 10.28 15.55 2.18
C ILE B 83 10.64 15.97 0.75
N SER B 84 10.80 14.96 -0.11
CA SER B 84 11.17 15.16 -1.50
C SER B 84 9.95 15.47 -2.37
N ASN B 85 8.89 14.70 -2.18
CA ASN B 85 7.65 14.80 -2.95
C ASN B 85 7.01 16.18 -2.81
N PRO B 86 6.88 16.90 -3.94
CA PRO B 86 6.29 18.24 -3.89
C PRO B 86 4.87 18.22 -3.32
N LEU B 87 4.09 17.19 -3.61
CA LEU B 87 2.72 17.12 -3.10
C LEU B 87 2.68 16.80 -1.61
N HIS B 88 3.66 16.06 -1.10
CA HIS B 88 3.74 15.85 0.36
C HIS B 88 4.08 17.17 1.07
N ARG B 89 4.87 18.01 0.41
CA ARG B 89 5.20 19.32 0.98
C ARG B 89 3.98 20.24 0.96
N LEU B 90 3.21 20.17 -0.12
CA LEU B 90 1.94 20.89 -0.20
C LEU B 90 1.04 20.52 0.97
N LYS B 91 0.93 19.22 1.21
CA LYS B 91 0.11 18.67 2.28
C LYS B 91 0.49 19.29 3.63
N LEU B 92 1.79 19.33 3.91
CA LEU B 92 2.27 19.90 5.16
C LEU B 92 2.00 21.40 5.24
N ARG B 93 2.30 22.12 4.17
CA ARG B 93 2.08 23.57 4.15
C ARG B 93 0.62 23.92 4.44
N LEU B 94 -0.29 23.24 3.77
CA LEU B 94 -1.71 23.50 3.99
C LEU B 94 -2.11 23.09 5.41
N ALA B 95 -1.53 22.00 5.90
CA ALA B 95 -1.83 21.52 7.25
C ALA B 95 -1.40 22.54 8.30
N ILE B 96 -0.17 23.02 8.17
CA ILE B 96 0.35 24.05 9.08
C ILE B 96 -0.54 25.29 9.08
N GLN B 97 -0.85 25.79 7.89
CA GLN B 97 -1.64 27.00 7.73
C GLN B 97 -3.04 26.83 8.32
N GLU B 98 -3.63 25.66 8.13
CA GLU B 98 -4.93 25.37 8.73
C GLU B 98 -4.85 25.36 10.26
N MET B 99 -3.79 24.74 10.78
CA MET B 99 -3.60 24.64 12.23
C MET B 99 -3.34 26.01 12.85
N VAL B 100 -2.52 26.83 12.20
CA VAL B 100 -2.28 28.18 12.69
C VAL B 100 -3.59 28.96 12.78
N SER B 101 -4.44 28.79 11.78
CA SER B 101 -5.71 29.53 11.73
C SER B 101 -6.66 29.09 12.85
N LEU B 102 -6.75 27.79 13.08
CA LEU B 102 -7.72 27.23 14.03
C LEU B 102 -7.31 27.42 15.49
N THR B 103 -6.02 27.57 15.73
CA THR B 103 -5.53 27.78 17.08
C THR B 103 -5.38 29.26 17.43
N SER B 104 -6.03 30.12 16.64
CA SER B 104 -6.03 31.55 16.93
C SER B 104 -7.42 32.15 16.70
N TRP B 141 -13.26 18.76 20.16
CA TRP B 141 -13.09 20.10 19.62
C TRP B 141 -13.99 20.29 18.40
N GLU B 142 -14.45 21.52 18.18
CA GLU B 142 -15.24 21.84 16.99
C GLU B 142 -14.44 21.49 15.75
N GLN B 143 -13.19 21.93 15.72
CA GLN B 143 -12.24 21.34 14.78
C GLN B 143 -12.20 19.86 15.12
N ILE B 144 -12.47 19.07 14.11
CA ILE B 144 -12.66 17.66 14.33
C ILE B 144 -11.31 17.00 14.59
N LEU B 145 -11.18 16.47 15.81
CA LEU B 145 -10.01 15.70 16.21
C LEU B 145 -10.19 14.26 15.78
N ALA B 146 -11.31 13.99 15.13
CA ALA B 146 -11.48 12.75 14.39
C ALA B 146 -10.98 13.02 12.98
N TYR B 147 -9.76 13.53 12.93
CA TYR B 147 -8.99 13.74 11.70
C TYR B 147 -9.10 12.56 10.74
N GLY B 148 -9.04 12.86 9.45
CA GLY B 148 -9.09 11.81 8.46
C GLY B 148 -10.49 11.45 8.01
N ASP B 149 -11.48 12.27 8.36
CA ASP B 149 -12.83 12.04 7.86
C ASP B 149 -12.85 12.30 6.35
N MET B 150 -11.98 13.21 5.89
CA MET B 150 -11.78 13.42 4.46
C MET B 150 -10.30 13.48 4.13
N ASN B 151 -9.53 12.57 4.71
CA ASN B 151 -8.10 12.52 4.43
C ASN B 151 -7.86 11.82 3.09
N HIS B 152 -6.62 11.45 2.84
CA HIS B 152 -6.25 10.90 1.55
C HIS B 152 -6.81 9.50 1.35
N GLU B 153 -7.12 8.80 2.44
CA GLU B 153 -7.75 7.49 2.31
C GLU B 153 -9.21 7.61 1.83
N TRP B 154 -9.94 8.61 2.33
CA TRP B 154 -11.28 8.91 1.84
C TRP B 154 -11.26 9.35 0.36
N VAL B 155 -10.34 10.24 0.02
CA VAL B 155 -10.15 10.62 -1.38
C VAL B 155 -9.89 9.40 -2.26
N GLY B 156 -9.02 8.51 -1.79
CA GLY B 156 -8.58 7.35 -2.56
C GLY B 156 -9.60 6.22 -2.61
N ASN B 157 -10.09 5.80 -1.45
CA ASN B 157 -10.97 4.65 -1.36
C ASN B 157 -12.43 4.96 -1.65
N ASP B 158 -12.85 6.19 -1.41
CA ASP B 158 -14.27 6.51 -1.44
C ASP B 158 -14.59 7.51 -2.56
N TRP B 159 -13.92 8.65 -2.56
CA TRP B 159 -14.34 9.77 -3.42
C TRP B 159 -13.95 9.56 -4.88
N LEU B 160 -12.69 9.26 -5.17
CA LEU B 160 -12.30 9.05 -6.56
C LEU B 160 -13.09 7.92 -7.25
N PRO B 161 -13.27 6.76 -6.58
CA PRO B 161 -14.15 5.78 -7.25
C PRO B 161 -15.57 6.32 -7.50
N SER B 162 -16.10 7.20 -6.66
CA SER B 162 -17.45 7.70 -6.86
C SER B 162 -17.53 8.61 -8.07
N LEU B 163 -16.38 9.14 -8.52
CA LEU B 163 -16.33 9.98 -9.71
C LEU B 163 -16.13 9.14 -10.97
N GLY B 164 -16.07 7.82 -10.83
CA GLY B 164 -15.75 6.97 -11.97
C GLY B 164 -14.29 7.09 -12.34
N LEU B 165 -13.46 7.44 -11.36
CA LEU B 165 -12.03 7.58 -11.59
C LEU B 165 -11.18 6.71 -10.66
N PRO B 166 -11.58 5.44 -10.42
CA PRO B 166 -10.80 4.63 -9.47
C PRO B 166 -9.40 4.29 -9.94
N GLN B 167 -9.10 4.45 -11.23
CA GLN B 167 -7.76 4.10 -11.72
C GLN B 167 -6.68 5.10 -11.29
N TYR B 168 -7.10 6.20 -10.68
CA TYR B 168 -6.15 7.21 -10.22
C TYR B 168 -5.92 7.08 -8.72
N ARG B 169 -6.59 6.13 -8.11
CA ARG B 169 -6.49 5.94 -6.65
C ARG B 169 -5.03 5.83 -6.16
N SER B 170 -4.24 4.98 -6.79
CA SER B 170 -2.91 4.71 -6.24
C SER B 170 -2.02 5.94 -6.33
N TYR B 171 -2.17 6.74 -7.38
CA TYR B 171 -1.31 7.91 -7.56
C TYR B 171 -1.68 9.01 -6.58
N PHE B 172 -2.99 9.19 -6.35
CA PHE B 172 -3.44 10.21 -5.41
C PHE B 172 -3.03 9.82 -3.98
N MET B 173 -3.16 8.54 -3.64
CA MET B 173 -2.85 8.16 -2.27
C MET B 173 -1.35 8.18 -2.02
N GLU B 174 -0.56 7.85 -3.05
CA GLU B 174 0.91 7.85 -2.85
C GLU B 174 1.40 9.28 -2.69
N SER B 175 0.65 10.25 -3.22
CA SER B 175 0.98 11.65 -3.03
C SER B 175 0.21 12.21 -1.83
N LEU B 176 -0.49 11.33 -1.12
CA LEU B 176 -1.19 11.68 0.12
C LEU B 176 -2.18 12.82 -0.06
N VAL B 177 -2.87 12.84 -1.21
CA VAL B 177 -3.80 13.92 -1.54
C VAL B 177 -5.08 13.85 -0.67
N ASP B 178 -5.26 14.81 0.24
CA ASP B 178 -6.47 14.86 1.06
C ASP B 178 -7.45 15.87 0.46
N ALA B 179 -8.65 15.97 1.01
CA ALA B 179 -9.68 16.88 0.47
C ALA B 179 -9.19 18.35 0.46
N ARG B 180 -8.47 18.72 1.51
CA ARG B 180 -7.90 20.07 1.66
C ARG B 180 -6.96 20.47 0.52
N MET B 181 -6.29 19.47 -0.06
CA MET B 181 -5.34 19.72 -1.16
C MET B 181 -6.00 19.83 -2.53
N LEU B 182 -7.20 19.27 -2.68
CA LEU B 182 -7.78 19.04 -4.01
C LEU B 182 -7.89 20.30 -4.84
N ASP B 183 -8.44 21.37 -4.25
CA ASP B 183 -8.62 22.64 -4.95
C ASP B 183 -7.30 23.38 -5.17
N HIS B 184 -6.23 22.91 -4.55
CA HIS B 184 -4.93 23.55 -4.68
C HIS B 184 -4.02 22.84 -5.68
N LEU B 185 -4.44 21.66 -6.14
CA LEU B 185 -3.64 20.94 -7.11
C LEU B 185 -3.51 21.76 -8.38
N ASN B 186 -2.29 22.10 -8.77
CA ASN B 186 -2.11 22.86 -10.00
C ASN B 186 -2.00 21.92 -11.21
N LYS B 187 -2.06 22.51 -12.40
CA LYS B 187 -2.13 21.73 -13.63
C LYS B 187 -0.88 20.87 -13.83
N LYS B 188 0.26 21.32 -13.34
CA LYS B 188 1.51 20.56 -13.50
C LYS B 188 1.50 19.27 -12.68
N GLU B 189 1.01 19.37 -11.45
CA GLU B 189 0.96 18.22 -10.56
C GLU B 189 -0.09 17.19 -11.05
N LEU B 190 -1.21 17.70 -11.57
CA LEU B 190 -2.24 16.84 -12.15
C LEU B 190 -1.71 16.05 -13.36
N ARG B 191 -1.07 16.76 -14.28
CA ARG B 191 -0.45 16.17 -15.46
C ARG B 191 0.66 15.17 -15.15
N GLY B 192 1.59 15.55 -14.29
CA GLY B 192 2.78 14.74 -14.07
C GLY B 192 2.63 13.69 -12.99
N GLN B 193 2.73 14.15 -11.74
CA GLN B 193 2.69 13.28 -10.57
C GLN B 193 1.41 12.46 -10.46
N LEU B 194 0.28 13.07 -10.81
CA LEU B 194 -0.98 12.37 -10.64
C LEU B 194 -1.44 11.68 -11.94
N LYS B 195 -0.59 11.70 -12.97
CA LYS B 195 -0.81 10.91 -14.20
C LYS B 195 -2.14 11.18 -14.94
N MET B 196 -2.77 12.32 -14.68
CA MET B 196 -4.01 12.67 -15.37
C MET B 196 -3.73 13.39 -16.66
N VAL B 197 -3.38 12.62 -17.69
CA VAL B 197 -3.07 13.16 -19.01
C VAL B 197 -4.34 13.41 -19.82
N ASP B 198 -5.32 12.53 -19.62
CA ASP B 198 -6.62 12.60 -20.31
C ASP B 198 -7.40 13.85 -19.92
N SER B 199 -7.73 14.67 -20.89
CA SER B 199 -8.38 15.94 -20.59
C SER B 199 -9.79 15.75 -20.08
N PHE B 200 -10.48 14.72 -20.54
CA PHE B 200 -11.83 14.46 -20.05
C PHE B 200 -11.78 14.05 -18.58
N HIS B 201 -10.81 13.20 -18.24
CA HIS B 201 -10.67 12.77 -16.85
C HIS B 201 -10.39 13.98 -15.97
N ARG B 202 -9.59 14.92 -16.47
CA ARG B 202 -9.33 16.12 -15.69
C ARG B 202 -10.57 16.99 -15.55
N VAL B 203 -11.37 17.11 -16.60
CA VAL B 203 -12.65 17.82 -16.49
C VAL B 203 -13.55 17.15 -15.45
N SER B 204 -13.54 15.83 -15.43
CA SER B 204 -14.34 15.07 -14.47
C SER B 204 -13.91 15.41 -13.03
N LEU B 205 -12.61 15.46 -12.78
CA LEU B 205 -12.11 15.84 -11.45
C LEU B 205 -12.58 17.23 -11.08
N HIS B 206 -12.45 18.16 -12.01
CA HIS B 206 -12.81 19.55 -11.80
C HIS B 206 -14.26 19.69 -11.30
N TYR B 207 -15.19 19.02 -11.96
CA TYR B 207 -16.59 19.13 -11.54
C TYR B 207 -16.85 18.32 -10.28
N GLY B 208 -16.07 17.26 -10.06
CA GLY B 208 -16.14 16.59 -8.78
C GLY B 208 -15.78 17.53 -7.64
N ILE B 209 -14.74 18.33 -7.87
CA ILE B 209 -14.29 19.27 -6.85
C ILE B 209 -15.28 20.42 -6.70
N MET B 210 -15.84 20.89 -7.82
CA MET B 210 -16.85 21.94 -7.73
C MET B 210 -18.02 21.51 -6.87
N CYS B 211 -18.42 20.24 -6.98
CA CYS B 211 -19.49 19.71 -6.15
C CYS B 211 -19.13 19.78 -4.66
N LEU B 212 -17.91 19.35 -4.34
CA LEU B 212 -17.42 19.40 -2.96
C LEU B 212 -17.49 20.82 -2.42
N LYS B 213 -17.05 21.79 -3.23
CA LYS B 213 -17.09 23.19 -2.83
C LYS B 213 -18.52 23.65 -2.55
N ARG B 214 -19.43 23.32 -3.46
CA ARG B 214 -20.81 23.74 -3.29
C ARG B 214 -21.43 23.13 -2.04
N LEU B 215 -20.94 21.96 -1.65
CA LEU B 215 -21.40 21.28 -0.43
C LEU B 215 -20.57 21.68 0.79
N ASN B 216 -19.70 22.65 0.63
CA ASN B 216 -18.84 23.15 1.70
C ASN B 216 -17.96 22.05 2.31
N TYR B 217 -17.58 21.08 1.48
CA TYR B 217 -16.77 19.93 1.90
C TYR B 217 -17.38 19.18 3.08
N ASP B 218 -18.71 19.13 3.10
CA ASP B 218 -19.43 18.41 4.16
C ASP B 218 -19.69 16.97 3.70
N ARG B 219 -18.82 16.06 4.13
CA ARG B 219 -18.88 14.66 3.71
C ARG B 219 -20.23 14.00 4.05
N LYS B 220 -20.71 14.28 5.26
CA LYS B 220 -21.99 13.74 5.72
C LYS B 220 -23.14 14.20 4.83
N ASP B 221 -23.12 15.46 4.42
CA ASP B 221 -24.16 16.03 3.56
C ASP B 221 -24.12 15.38 2.16
N LEU B 222 -22.91 15.18 1.64
CA LEU B 222 -22.76 14.50 0.35
C LEU B 222 -23.34 13.08 0.42
N GLU B 223 -23.01 12.37 1.49
CA GLU B 223 -23.52 11.02 1.68
C GLU B 223 -25.03 10.99 1.84
N ARG B 224 -25.57 11.90 2.64
CA ARG B 224 -27.01 11.99 2.84
C ARG B 224 -27.72 12.26 1.50
N ARG B 225 -27.19 13.21 0.75
CA ARG B 225 -27.86 13.63 -0.47
C ARG B 225 -27.82 12.52 -1.53
N ARG B 226 -26.77 11.70 -1.51
CA ARG B 226 -26.70 10.54 -2.41
C ARG B 226 -27.70 9.47 -2.01
N GLU B 227 -27.85 9.27 -0.71
CA GLU B 227 -28.82 8.31 -0.21
C GLU B 227 -30.26 8.71 -0.53
N GLU B 228 -30.56 10.02 -0.44
CA GLU B 228 -31.93 10.50 -0.62
C GLU B 228 -32.28 10.75 -2.10
N SER B 229 -31.36 10.42 -2.99
CA SER B 229 -31.62 10.58 -4.42
C SER B 229 -31.41 9.25 -5.17
N GLN B 230 -31.38 8.15 -4.42
CA GLN B 230 -31.16 6.83 -5.00
C GLN B 230 -32.28 6.38 -5.94
N THR B 231 -33.52 6.75 -5.62
CA THR B 231 -34.66 6.19 -6.31
C THR B 231 -35.51 7.20 -7.08
N GLN B 232 -35.00 8.42 -7.23
CA GLN B 232 -35.71 9.41 -8.03
C GLN B 232 -34.74 10.28 -8.82
N ILE B 233 -35.25 10.92 -9.87
CA ILE B 233 -34.46 11.84 -10.67
C ILE B 233 -34.42 13.20 -9.96
N ARG B 234 -33.48 13.32 -9.02
CA ARG B 234 -33.40 14.51 -8.17
C ARG B 234 -31.95 14.71 -7.80
N ASP B 235 -31.53 15.96 -7.64
CA ASP B 235 -30.19 16.25 -7.11
C ASP B 235 -29.10 15.52 -7.89
N VAL B 236 -29.18 15.55 -9.22
CA VAL B 236 -28.23 14.83 -10.05
C VAL B 236 -26.78 15.29 -9.78
N MET B 237 -26.58 16.54 -9.42
CA MET B 237 -25.23 17.05 -9.13
C MET B 237 -24.41 16.16 -8.17
N VAL B 238 -25.09 15.49 -7.25
CA VAL B 238 -24.40 14.71 -6.23
C VAL B 238 -24.18 13.21 -6.64
N TRP B 239 -24.80 12.78 -7.73
CA TRP B 239 -24.78 11.35 -8.09
C TRP B 239 -23.38 10.77 -8.33
N SER B 240 -23.15 9.59 -7.76
CA SER B 240 -21.98 8.80 -8.02
C SER B 240 -22.02 8.23 -9.43
N ASN B 241 -20.86 7.77 -9.89
CA ASN B 241 -20.74 7.02 -11.15
C ASN B 241 -21.63 5.77 -11.12
N GLU B 242 -21.68 5.10 -9.97
CA GLU B 242 -22.52 3.92 -9.83
C GLU B 242 -23.99 4.27 -10.01
N ARG B 243 -24.40 5.39 -9.42
CA ARG B 243 -25.79 5.85 -9.52
C ARG B 243 -26.14 6.18 -10.98
N VAL B 244 -25.20 6.80 -11.68
CA VAL B 244 -25.41 7.09 -13.09
C VAL B 244 -25.60 5.80 -13.89
N MET B 245 -24.79 4.79 -13.60
CA MET B 245 -24.94 3.48 -14.25
C MET B 245 -26.31 2.87 -13.91
N GLY B 246 -26.74 3.04 -12.66
CA GLY B 246 -28.05 2.57 -12.23
C GLY B 246 -29.16 3.23 -13.04
N TRP B 247 -28.96 4.50 -13.37
CA TRP B 247 -29.93 5.26 -14.14
C TRP B 247 -29.96 4.76 -15.57
N VAL B 248 -28.78 4.60 -16.18
CA VAL B 248 -28.74 4.02 -17.52
C VAL B 248 -29.40 2.62 -17.56
N SER B 249 -29.11 1.78 -16.57
CA SER B 249 -29.72 0.46 -16.53
C SER B 249 -31.24 0.55 -16.43
N GLY B 250 -31.71 1.44 -15.56
CA GLY B 250 -33.15 1.64 -15.35
C GLY B 250 -33.90 2.06 -16.59
N LEU B 251 -33.17 2.62 -17.57
CA LEU B 251 -33.77 3.04 -18.85
C LEU B 251 -34.02 1.87 -19.79
N GLY B 252 -33.42 0.73 -19.49
CA GLY B 252 -33.46 -0.39 -20.41
C GLY B 252 -32.24 -0.46 -21.31
N LEU B 253 -31.16 0.15 -20.85
CA LEU B 253 -29.90 0.12 -21.57
C LEU B 253 -28.85 -0.60 -20.75
N LYS B 254 -29.25 -1.68 -20.08
CA LYS B 254 -28.38 -2.25 -19.04
C LYS B 254 -27.07 -2.80 -19.59
N GLU B 255 -27.08 -3.35 -20.80
CA GLU B 255 -25.85 -3.97 -21.29
C GLU B 255 -24.77 -2.95 -21.58
N PHE B 256 -25.12 -1.66 -21.64
CA PHE B 256 -24.13 -0.62 -21.90
C PHE B 256 -23.61 0.06 -20.64
N ALA B 257 -24.34 -0.06 -19.53
CA ALA B 257 -24.02 0.70 -18.33
C ALA B 257 -22.59 0.45 -17.83
N THR B 258 -22.15 -0.80 -17.89
CA THR B 258 -20.83 -1.19 -17.40
C THR B 258 -19.70 -0.44 -18.11
N ASN B 259 -19.99 0.11 -19.28
CA ASN B 259 -18.94 0.81 -20.02
C ASN B 259 -18.56 2.14 -19.37
N LEU B 260 -19.35 2.60 -18.41
CA LEU B 260 -19.02 3.85 -17.71
C LEU B 260 -18.03 3.63 -16.58
N THR B 261 -17.68 2.37 -16.33
CA THR B 261 -16.65 2.06 -15.34
C THR B 261 -15.34 2.68 -15.83
N GLU B 262 -14.71 3.46 -14.95
CA GLU B 262 -13.46 4.20 -15.22
C GLU B 262 -13.57 5.28 -16.31
N SER B 263 -14.79 5.70 -16.60
CA SER B 263 -15.03 6.69 -17.63
C SER B 263 -14.95 8.13 -17.10
N GLY B 264 -15.02 8.29 -15.79
CA GLY B 264 -15.09 9.62 -15.21
C GLY B 264 -16.47 10.26 -15.29
N VAL B 265 -17.49 9.48 -15.64
CA VAL B 265 -18.84 10.04 -15.72
C VAL B 265 -19.50 9.98 -14.36
N HIS B 266 -19.95 11.11 -13.85
CA HIS B 266 -20.67 11.17 -12.57
C HIS B 266 -21.65 12.32 -12.59
N GLY B 267 -22.50 12.42 -11.57
CA GLY B 267 -23.58 13.40 -11.57
C GLY B 267 -23.18 14.86 -11.68
N ALA B 268 -22.10 15.26 -11.01
CA ALA B 268 -21.71 16.66 -10.98
C ALA B 268 -21.23 17.08 -12.37
N LEU B 269 -20.62 16.15 -13.08
CA LEU B 269 -20.31 16.38 -14.49
C LEU B 269 -21.57 16.58 -15.34
N LEU B 270 -22.54 15.67 -15.21
CA LEU B 270 -23.80 15.78 -15.96
C LEU B 270 -24.55 17.07 -15.63
N ALA B 271 -24.47 17.51 -14.38
CA ALA B 271 -25.25 18.67 -13.95
C ALA B 271 -24.54 19.98 -14.22
N LEU B 272 -23.21 19.98 -14.19
CA LEU B 272 -22.48 21.25 -14.23
C LEU B 272 -21.77 21.52 -15.55
N ASP B 273 -21.50 20.47 -16.34
CA ASP B 273 -20.89 20.67 -17.65
C ASP B 273 -21.93 20.82 -18.75
N GLU B 274 -22.18 22.06 -19.17
CA GLU B 274 -23.19 22.38 -20.20
C GLU B 274 -22.84 21.85 -21.58
N THR B 275 -21.59 21.45 -21.78
CA THR B 275 -21.16 20.94 -23.07
C THR B 275 -21.38 19.42 -23.24
N PHE B 276 -21.60 18.73 -22.13
CA PHE B 276 -21.72 17.28 -22.13
C PHE B 276 -23.14 16.91 -22.56
N ASP B 277 -23.30 16.29 -23.72
CA ASP B 277 -24.64 16.01 -24.20
C ASP B 277 -24.90 14.51 -24.37
N TYR B 278 -26.10 14.16 -24.83
CA TYR B 278 -26.48 12.77 -24.90
C TYR B 278 -25.56 11.98 -25.84
N SER B 279 -25.09 12.62 -26.91
CA SER B 279 -24.19 11.94 -27.84
C SER B 279 -22.80 11.67 -27.22
N ASP B 280 -22.31 12.59 -26.39
CA ASP B 280 -21.08 12.33 -25.64
C ASP B 280 -21.26 11.10 -24.76
N LEU B 281 -22.41 11.03 -24.09
CA LEU B 281 -22.73 9.90 -23.21
C LEU B 281 -22.87 8.61 -24.00
N ALA B 282 -23.58 8.68 -25.14
CA ALA B 282 -23.80 7.52 -25.99
C ALA B 282 -22.48 6.88 -26.42
N LEU B 283 -21.50 7.73 -26.68
CA LEU B 283 -20.18 7.27 -27.10
C LEU B 283 -19.48 6.56 -25.96
N LEU B 284 -19.55 7.14 -24.76
CA LEU B 284 -18.95 6.54 -23.58
C LEU B 284 -19.66 5.25 -23.19
N LEU B 285 -20.96 5.19 -23.46
CA LEU B 285 -21.71 3.95 -23.26
C LEU B 285 -21.40 2.95 -24.36
N GLN B 286 -20.74 3.41 -25.42
CA GLN B 286 -20.41 2.58 -26.59
C GLN B 286 -21.64 1.98 -27.24
N ILE B 287 -22.72 2.74 -27.32
CA ILE B 287 -23.90 2.32 -28.05
C ILE B 287 -23.61 2.41 -29.54
N PRO B 288 -23.82 1.31 -30.29
CA PRO B 288 -23.61 1.34 -31.73
C PRO B 288 -24.54 2.33 -32.42
N THR B 289 -24.05 2.98 -33.48
CA THR B 289 -24.89 3.89 -34.24
C THR B 289 -26.05 3.12 -34.89
N GLN B 290 -25.85 1.83 -35.14
CA GLN B 290 -26.93 1.02 -35.70
C GLN B 290 -28.08 0.89 -34.70
N ASN B 291 -27.79 0.92 -33.41
CA ASN B 291 -28.85 0.84 -32.40
C ASN B 291 -29.52 2.21 -32.20
N ALA B 292 -30.26 2.62 -33.24
CA ALA B 292 -30.87 3.94 -33.32
C ALA B 292 -31.96 4.18 -32.28
N GLN B 293 -32.73 3.14 -31.98
CA GLN B 293 -33.78 3.25 -30.98
C GLN B 293 -33.16 3.55 -29.62
N ALA B 294 -32.05 2.86 -29.32
CA ALA B 294 -31.36 3.07 -28.06
C ALA B 294 -30.83 4.51 -27.96
N ARG B 295 -30.39 5.06 -29.08
CA ARG B 295 -29.85 6.40 -29.07
C ARG B 295 -30.96 7.43 -28.93
N GLN B 296 -32.10 7.20 -29.58
CA GLN B 296 -33.26 8.07 -29.42
C GLN B 296 -33.80 8.06 -27.99
N LEU B 297 -33.87 6.87 -27.41
CA LEU B 297 -34.28 6.70 -26.02
C LEU B 297 -33.36 7.48 -25.09
N LEU B 298 -32.05 7.34 -25.29
CA LEU B 298 -31.07 8.02 -24.44
C LEU B 298 -31.25 9.54 -24.57
N GLU B 299 -31.47 10.00 -25.80
CA GLU B 299 -31.62 11.43 -26.03
C GLU B 299 -32.77 12.00 -25.21
N LYS B 300 -33.92 11.33 -25.27
CA LYS B 300 -35.12 11.75 -24.58
C LYS B 300 -34.99 11.63 -23.06
N GLU B 301 -34.41 10.53 -22.60
CA GLU B 301 -34.23 10.34 -21.17
C GLU B 301 -33.21 11.31 -20.58
N PHE B 302 -32.16 11.59 -21.35
CA PHE B 302 -31.12 12.51 -20.90
C PHE B 302 -31.71 13.91 -20.72
N SER B 303 -32.56 14.32 -21.66
CA SER B 303 -33.27 15.59 -21.59
C SER B 303 -34.09 15.68 -20.32
N ASN B 304 -34.77 14.56 -20.04
CA ASN B 304 -35.60 14.46 -18.86
C ASN B 304 -34.77 14.56 -17.59
N LEU B 305 -33.61 13.91 -17.60
CA LEU B 305 -32.69 13.90 -16.46
C LEU B 305 -32.21 15.30 -16.11
N ILE B 306 -31.88 16.07 -17.13
CA ILE B 306 -31.33 17.42 -16.95
C ILE B 306 -32.43 18.37 -16.52
N SER B 307 -33.56 18.27 -17.21
CA SER B 307 -34.72 19.09 -16.90
C SER B 307 -35.19 18.89 -15.46
N LEU B 308 -35.29 17.63 -15.03
CA LEU B 308 -35.87 17.30 -13.73
C LEU B 308 -34.88 17.29 -12.57
N GLY B 309 -33.60 17.07 -12.85
CA GLY B 309 -32.65 16.89 -11.77
C GLY B 309 -31.55 17.93 -11.67
N THR B 310 -31.54 18.92 -12.56
CA THR B 310 -30.48 19.94 -12.56
C THR B 310 -31.03 21.34 -12.74
N ASP B 311 -30.13 22.26 -13.06
CA ASP B 311 -30.50 23.63 -13.35
C ASP B 311 -30.05 24.08 -14.74
N ARG B 312 -29.48 23.14 -15.51
CA ARG B 312 -29.18 23.40 -16.91
C ARG B 312 -30.48 23.60 -17.68
#